data_5N3D
#
_entry.id   5N3D
#
_cell.length_a   58.419
_cell.length_b   72.389
_cell.length_c   108.383
_cell.angle_alpha   90.00
_cell.angle_beta   90.00
_cell.angle_gamma   90.00
#
_symmetry.space_group_name_H-M   'P 21 21 21'
#
loop_
_entity.id
_entity.type
_entity.pdbx_description
1 polymer 'cAMP-dependent protein kinase catalytic subunit alpha'
2 polymer 'cAMP-dependent protein kinase inhibitor alpha-like protein'
3 non-polymer [azanyl-[4-(trifluoromethyl)phenyl]methylidene]azanium
4 non-polymer (4S)-2-METHYL-2,4-PENTANEDIOL
5 water water
#
loop_
_entity_poly.entity_id
_entity_poly.type
_entity_poly.pdbx_seq_one_letter_code
_entity_poly.pdbx_strand_id
1 'polypeptide(L)'
;GHMGNAAAAKKG(SEP)EQESVKEFLAKAKEEFLKKWESPSQNTAQLDHFDRIKTLGTGSFGRVMLVKHKETGNHYAMKI
LDKQKVVKLKQIEHTLNEKRILQAVNFPFLVKLEFSFKDNSNLYMVMEYVPGGEMFSHLRRIGRF(SEP)EPHARFYAAQ
IVLTFEYLHSLDLIYRDLKPENLLIDQQGYIQVTDFGFAKRVKGRTW(TPO)LCGTPEYLAPEIILSKGYNKAVDWWALG
VLIYEMAAGYPPFFADQPIQIYEKIVSGKVRFPSHFSSDLKDLLRNLLQVDLTKRFGNLKNGVNDIKNHKWFATTDWIAI
YQRKVEAPFIPKFKGPGDTSNFDDYEEEEIRV(SEP)INEKCGKEFTEF
;
A
2 'polypeptide(L)' IAAGRTGRRQAIHDILVAA B
#
loop_
_chem_comp.id
_chem_comp.type
_chem_comp.name
_chem_comp.formula
8NE non-polymer [azanyl-[4-(trifluoromethyl)phenyl]methylidene]azanium 'C8 H8 F3 N2 1'
MPD non-polymer (4S)-2-METHYL-2,4-PENTANEDIOL 'C6 H14 O2'
#
# COMPACT_ATOMS: atom_id res chain seq x y z
N GLY A 1 22.19 -24.11 17.94
CA GLY A 1 21.72 -22.97 17.09
C GLY A 1 20.78 -22.03 17.83
N HIS A 2 20.21 -21.05 17.12
CA HIS A 2 19.27 -20.16 17.78
C HIS A 2 17.99 -20.89 18.16
N MET A 3 17.54 -21.84 17.35
CA MET A 3 16.35 -22.62 17.64
C MET A 3 16.73 -24.01 18.10
N GLY A 4 15.99 -24.54 19.07
CA GLY A 4 16.16 -25.91 19.52
C GLY A 4 15.51 -26.90 18.57
N ALA A 6 13.08 -28.85 17.47
CA ALA A 6 11.72 -28.69 17.97
C ALA A 6 11.09 -27.42 17.41
N ALA A 7 11.64 -26.27 17.82
CA ALA A 7 11.19 -25.01 17.26
C ALA A 7 11.56 -24.92 15.78
N ALA A 8 12.65 -25.56 15.39
CA ALA A 8 13.07 -25.55 13.99
C ALA A 8 12.11 -26.37 13.13
N ALA A 9 11.68 -27.53 13.63
CA ALA A 9 10.73 -28.35 12.88
C ALA A 9 9.40 -27.63 12.71
N LYS A 10 8.92 -26.94 13.75
CA LYS A 10 7.69 -26.18 13.63
C LYS A 10 7.84 -25.08 12.59
N LYS A 11 8.96 -24.37 12.60
CA LYS A 11 9.13 -23.28 11.64
C LYS A 11 9.18 -23.81 10.21
N GLY A 12 9.94 -24.88 9.98
CA GLY A 12 9.97 -25.49 8.66
C GLY A 12 8.60 -25.93 8.17
N SEP A 13 7.83 -26.60 9.03
CA SEP A 13 6.48 -27.04 8.64
CB SEP A 13 5.80 -27.89 9.73
OG SEP A 13 4.39 -27.89 9.57
C SEP A 13 5.65 -25.82 8.29
O SEP A 13 4.88 -25.83 7.33
P SEP A 13 3.64 -29.22 10.05
O1P SEP A 13 2.08 -29.02 9.74
O2P SEP A 13 4.23 -30.50 9.25
O3P SEP A 13 3.89 -29.42 11.60
H SEP A 13 8.05 -26.81 9.83
HA SEP A 13 6.55 -27.60 7.83
HB2 SEP A 13 6.02 -27.51 10.60
HB3 SEP A 13 6.13 -28.80 9.68
N GLU A 14 5.84 -24.75 9.07
CA GLU A 14 5.12 -23.50 8.84
C GLU A 14 5.47 -22.93 7.47
N GLN A 15 6.75 -23.03 7.11
CA GLN A 15 7.17 -22.52 5.82
C GLN A 15 6.57 -23.34 4.69
N GLU A 16 6.50 -24.66 4.86
CA GLU A 16 5.89 -25.50 3.84
C GLU A 16 4.40 -25.23 3.69
N SER A 17 3.72 -24.88 4.79
CA SER A 17 2.32 -24.50 4.69
C SER A 17 2.16 -23.18 3.97
N VAL A 18 3.10 -22.26 4.14
CA VAL A 18 3.05 -21.01 3.38
C VAL A 18 3.07 -21.32 1.89
N LYS A 19 4.02 -22.14 1.45
CA LYS A 19 4.10 -22.54 0.06
C LYS A 19 2.77 -23.09 -0.44
N GLU A 20 2.17 -24.00 0.35
CA GLU A 20 0.88 -24.58 -0.01
C GLU A 20 -0.18 -23.51 -0.22
N PHE A 21 -0.24 -22.54 0.71
CA PHE A 21 -1.22 -21.47 0.63
C PHE A 21 -1.01 -20.62 -0.61
N LEU A 22 0.24 -20.27 -0.88
CA LEU A 22 0.53 -19.37 -2.01
C LEU A 22 0.26 -20.06 -3.33
N ALA A 23 0.45 -21.38 -3.41
CA ALA A 23 0.12 -22.10 -4.63
C ALA A 23 -1.36 -22.02 -4.91
N LYS A 24 -2.20 -22.20 -3.88
CA LYS A 24 -3.65 -22.11 -4.08
C LYS A 24 -4.04 -20.68 -4.40
N ALA A 25 -3.41 -19.73 -3.73
CA ALA A 25 -3.70 -18.31 -3.95
C ALA A 25 -3.39 -17.92 -5.39
N LYS A 26 -2.32 -18.46 -5.97
N LYS A 26 -2.31 -18.45 -5.95
CA LYS A 26 -2.00 -18.12 -7.35
CA LYS A 26 -1.97 -18.15 -7.34
C LYS A 26 -2.98 -18.74 -8.33
C LYS A 26 -3.01 -18.72 -8.29
N GLU A 27 -3.49 -19.94 -8.04
CA GLU A 27 -4.50 -20.53 -8.91
C GLU A 27 -5.77 -19.67 -8.92
N GLU A 28 -6.20 -19.21 -7.75
CA GLU A 28 -7.39 -18.36 -7.67
C GLU A 28 -7.16 -17.02 -8.34
N PHE A 29 -5.98 -16.43 -8.15
CA PHE A 29 -5.69 -15.13 -8.77
C PHE A 29 -5.74 -15.25 -10.29
N LEU A 30 -5.11 -16.27 -10.84
CA LEU A 30 -5.02 -16.40 -12.30
C LEU A 30 -6.40 -16.57 -12.92
N LYS A 31 -7.28 -17.34 -12.27
CA LYS A 31 -8.63 -17.49 -12.78
C LYS A 31 -9.31 -16.15 -12.96
N LYS A 32 -9.13 -15.22 -11.99
CA LYS A 32 -9.74 -13.91 -12.11
C LYS A 32 -8.93 -12.98 -12.99
N TRP A 33 -7.62 -13.18 -13.07
CA TRP A 33 -6.78 -12.29 -13.86
C TRP A 33 -7.05 -12.45 -15.35
N GLU A 34 -7.26 -13.69 -15.79
CA GLU A 34 -7.48 -14.00 -17.20
C GLU A 34 -8.91 -13.70 -17.62
N SER A 35 -9.89 -14.09 -16.79
CA SER A 35 -11.31 -13.96 -17.09
C SER A 35 -11.95 -13.08 -16.02
N PRO A 36 -11.80 -11.75 -16.12
CA PRO A 36 -12.41 -10.83 -15.17
C PRO A 36 -13.87 -10.50 -15.49
N ASN A 39 -18.19 -3.02 -15.95
CA ASN A 39 -19.30 -2.08 -15.92
C ASN A 39 -20.37 -2.56 -14.95
N THR A 40 -19.98 -2.77 -13.70
CA THR A 40 -20.83 -3.39 -12.70
C THR A 40 -21.77 -2.41 -11.99
N ALA A 41 -21.82 -1.15 -12.42
CA ALA A 41 -22.73 -0.17 -11.81
C ALA A 41 -22.67 1.12 -12.61
N GLN A 42 -23.40 2.14 -12.14
CA GLN A 42 -23.36 3.45 -12.78
C GLN A 42 -23.49 4.51 -11.70
N LEU A 43 -23.16 5.75 -12.09
CA LEU A 43 -22.96 6.81 -11.09
C LEU A 43 -24.24 7.12 -10.33
N ASP A 44 -25.38 7.11 -11.02
CA ASP A 44 -26.62 7.51 -10.35
C ASP A 44 -27.15 6.45 -9.40
N HIS A 45 -26.46 5.34 -9.23
CA HIS A 45 -26.80 4.37 -8.20
C HIS A 45 -26.26 4.77 -6.82
N PHE A 46 -25.60 5.91 -6.71
CA PHE A 46 -24.90 6.28 -5.48
C PHE A 46 -25.21 7.73 -5.11
N ASP A 47 -25.44 7.95 -3.82
CA ASP A 47 -25.43 9.29 -3.26
C ASP A 47 -24.01 9.63 -2.83
N ARG A 48 -23.53 10.81 -3.21
CA ARG A 48 -22.19 11.22 -2.84
C ARG A 48 -22.28 12.02 -1.55
N ILE A 49 -21.46 11.66 -0.57
N ILE A 49 -21.44 11.68 -0.57
CA ILE A 49 -21.56 12.21 0.77
CA ILE A 49 -21.57 12.17 0.79
C ILE A 49 -20.45 13.21 1.04
C ILE A 49 -20.45 13.17 1.13
N LYS A 50 -19.20 12.78 0.93
CA LYS A 50 -18.09 13.59 1.40
C LYS A 50 -16.80 13.18 0.71
N THR A 51 -15.93 14.15 0.45
CA THR A 51 -14.61 13.83 -0.08
C THR A 51 -13.69 13.35 1.04
N LEU A 52 -13.08 12.19 0.83
CA LEU A 52 -12.20 11.60 1.83
C LEU A 52 -10.72 11.78 1.52
N GLY A 53 -10.38 12.17 0.31
CA GLY A 53 -9.00 12.36 -0.08
C GLY A 53 -8.95 12.87 -1.50
N THR A 54 -7.84 13.54 -1.82
CA THR A 54 -7.67 14.16 -3.14
C THR A 54 -6.24 13.98 -3.62
N GLY A 55 -6.09 13.88 -4.94
CA GLY A 55 -4.78 13.82 -5.56
C GLY A 55 -4.76 14.62 -6.86
N SER A 56 -3.74 14.39 -7.68
CA SER A 56 -3.59 15.16 -8.91
C SER A 56 -4.65 14.78 -9.94
N PHE A 57 -5.08 13.52 -9.98
CA PHE A 57 -5.98 13.03 -11.02
C PHE A 57 -7.43 12.91 -10.59
N GLY A 58 -7.75 13.21 -9.33
CA GLY A 58 -9.15 13.12 -8.91
C GLY A 58 -9.26 13.08 -7.39
N ARG A 59 -10.26 12.31 -6.92
CA ARG A 59 -10.56 12.31 -5.50
C ARG A 59 -11.19 10.96 -5.13
N VAL A 60 -11.22 10.70 -3.83
CA VAL A 60 -11.97 9.58 -3.28
C VAL A 60 -13.11 10.14 -2.45
N MET A 61 -14.32 9.66 -2.70
CA MET A 61 -15.49 10.13 -1.98
C MET A 61 -16.15 8.99 -1.21
N LEU A 62 -16.63 9.30 -0.01
CA LEU A 62 -17.62 8.45 0.61
C LEU A 62 -18.91 8.55 -0.18
N VAL A 63 -19.46 7.39 -0.57
CA VAL A 63 -20.75 7.34 -1.27
C VAL A 63 -21.63 6.34 -0.56
N LYS A 64 -22.93 6.47 -0.80
CA LYS A 64 -23.94 5.58 -0.25
C LYS A 64 -24.73 4.99 -1.40
N HIS A 65 -24.76 3.66 -1.48
CA HIS A 65 -25.51 2.97 -2.53
C HIS A 65 -27.00 3.18 -2.28
N LYS A 66 -27.69 3.78 -3.26
CA LYS A 66 -29.09 4.15 -3.08
C LYS A 66 -29.94 2.95 -2.69
N GLU A 67 -29.82 1.85 -3.43
CA GLU A 67 -30.71 0.70 -3.20
C GLU A 67 -30.42 0.05 -1.84
N THR A 68 -29.18 -0.40 -1.64
CA THR A 68 -28.83 -1.20 -0.46
C THR A 68 -28.56 -0.36 0.78
N GLY A 69 -28.23 0.92 0.62
CA GLY A 69 -27.80 1.73 1.75
C GLY A 69 -26.40 1.43 2.24
N ASN A 70 -25.66 0.57 1.56
CA ASN A 70 -24.28 0.32 1.95
C ASN A 70 -23.41 1.51 1.62
N HIS A 71 -22.40 1.75 2.44
CA HIS A 71 -21.43 2.81 2.18
C HIS A 71 -20.21 2.24 1.52
N TYR A 72 -19.60 3.04 0.64
CA TYR A 72 -18.40 2.66 -0.09
C TYR A 72 -17.50 3.88 -0.26
N ALA A 73 -16.24 3.61 -0.59
CA ALA A 73 -15.29 4.63 -1.03
C ALA A 73 -15.20 4.57 -2.55
N MET A 74 -15.52 5.69 -3.21
CA MET A 74 -15.50 5.75 -4.66
C MET A 74 -14.33 6.61 -5.12
N LYS A 75 -13.41 6.00 -5.84
CA LYS A 75 -12.28 6.69 -6.43
C LYS A 75 -12.73 7.18 -7.81
N ILE A 76 -12.64 8.48 -8.03
CA ILE A 76 -13.05 9.11 -9.29
C ILE A 76 -11.80 9.66 -9.95
N LEU A 77 -11.56 9.25 -11.19
CA LEU A 77 -10.41 9.72 -11.96
C LEU A 77 -10.91 10.47 -13.18
N ASP A 78 -10.48 11.72 -13.32
CA ASP A 78 -10.82 12.55 -14.48
C ASP A 78 -10.00 12.08 -15.67
N LYS A 79 -10.65 11.48 -16.66
CA LYS A 79 -9.92 10.95 -17.80
C LYS A 79 -9.05 12.01 -18.46
N GLN A 80 -9.46 13.28 -18.39
CA GLN A 80 -8.72 14.36 -19.02
C GLN A 80 -7.58 14.88 -18.16
N LYS A 81 -7.46 14.43 -16.92
CA LYS A 81 -6.24 14.62 -16.15
C LYS A 81 -5.29 13.43 -16.26
N VAL A 82 -5.82 12.25 -16.58
CA VAL A 82 -4.97 11.07 -16.78
C VAL A 82 -4.43 11.15 -18.19
N VAL A 83 -3.43 12.01 -18.41
CA VAL A 83 -2.96 12.36 -19.75
C VAL A 83 -1.70 11.60 -20.13
N LYS A 84 -0.72 11.52 -19.23
CA LYS A 84 0.57 10.94 -19.55
C LYS A 84 0.48 9.44 -19.77
N LEU A 85 1.35 8.94 -20.66
CA LEU A 85 1.25 7.55 -21.08
C LEU A 85 1.28 6.61 -19.87
N LYS A 86 2.26 6.78 -18.98
N LYS A 86 2.25 6.79 -18.98
CA LYS A 86 2.32 5.87 -17.84
CA LYS A 86 2.34 5.91 -17.82
C LYS A 86 1.19 6.13 -16.85
C LYS A 86 1.18 6.13 -16.87
N GLN A 87 0.63 7.34 -16.82
CA GLN A 87 -0.56 7.57 -16.02
C GLN A 87 -1.71 6.67 -16.49
N ILE A 88 -1.83 6.47 -17.82
CA ILE A 88 -2.91 5.67 -18.38
C ILE A 88 -2.72 4.18 -18.09
N GLU A 89 -1.55 3.65 -18.46
CA GLU A 89 -1.27 2.23 -18.24
C GLU A 89 -1.46 1.86 -16.78
N HIS A 90 -1.04 2.75 -15.88
CA HIS A 90 -1.15 2.49 -14.45
C HIS A 90 -2.59 2.40 -13.99
N THR A 91 -3.49 3.17 -14.61
N THR A 91 -3.50 3.17 -14.60
CA THR A 91 -4.90 3.08 -14.26
CA THR A 91 -4.91 3.07 -14.24
C THR A 91 -5.47 1.72 -14.63
C THR A 91 -5.46 1.69 -14.63
N LEU A 92 -5.05 1.18 -15.79
CA LEU A 92 -5.49 -0.15 -16.19
C LEU A 92 -4.92 -1.23 -15.28
N ASN A 93 -3.63 -1.11 -14.90
CA ASN A 93 -3.04 -2.03 -13.93
C ASN A 93 -3.88 -2.07 -12.67
N GLU A 94 -4.21 -0.89 -12.14
CA GLU A 94 -4.88 -0.78 -10.86
C GLU A 94 -6.19 -1.55 -10.86
N LYS A 95 -7.05 -1.29 -11.86
CA LYS A 95 -8.35 -1.96 -11.92
C LYS A 95 -8.20 -3.47 -12.04
N ARG A 96 -7.32 -3.92 -12.94
CA ARG A 96 -7.23 -5.34 -13.20
C ARG A 96 -6.66 -6.09 -12.01
N ILE A 97 -5.70 -5.48 -11.33
CA ILE A 97 -5.12 -6.13 -10.15
C ILE A 97 -6.15 -6.18 -9.03
N LEU A 98 -6.81 -5.07 -8.76
CA LEU A 98 -7.75 -5.04 -7.65
C LEU A 98 -8.89 -6.04 -7.86
N GLN A 99 -9.35 -6.21 -9.10
CA GLN A 99 -10.44 -7.15 -9.32
C GLN A 99 -10.00 -8.60 -9.15
N ALA A 100 -8.69 -8.89 -9.14
CA ALA A 100 -8.22 -10.27 -9.12
C ALA A 100 -7.64 -10.72 -7.78
N VAL A 101 -7.25 -9.81 -6.90
CA VAL A 101 -6.57 -10.18 -5.66
C VAL A 101 -7.61 -10.49 -4.58
N ASN A 102 -7.13 -11.17 -3.54
CA ASN A 102 -7.97 -11.50 -2.38
C ASN A 102 -7.04 -11.80 -1.22
N PHE A 103 -7.03 -10.94 -0.20
CA PHE A 103 -6.14 -11.07 0.96
C PHE A 103 -6.71 -10.21 2.07
N PRO A 104 -6.55 -10.61 3.33
CA PRO A 104 -7.28 -9.92 4.40
C PRO A 104 -6.88 -8.46 4.60
N PHE A 105 -5.70 -8.04 4.13
CA PHE A 105 -5.22 -6.69 4.34
C PHE A 105 -5.23 -5.85 3.08
N LEU A 106 -5.96 -6.30 2.06
CA LEU A 106 -6.11 -5.55 0.81
C LEU A 106 -7.56 -5.14 0.66
N VAL A 107 -7.77 -3.86 0.32
CA VAL A 107 -9.14 -3.38 0.19
C VAL A 107 -9.83 -4.13 -0.93
N LYS A 108 -11.13 -4.34 -0.77
CA LYS A 108 -11.92 -5.12 -1.72
C LYS A 108 -12.64 -4.18 -2.69
N LEU A 109 -12.40 -4.38 -3.99
CA LEU A 109 -13.12 -3.65 -5.03
C LEU A 109 -14.51 -4.26 -5.21
N GLU A 110 -15.51 -3.38 -5.29
CA GLU A 110 -16.90 -3.79 -5.43
C GLU A 110 -17.48 -3.51 -6.80
N PHE A 111 -17.23 -2.33 -7.38
CA PHE A 111 -17.71 -2.01 -8.71
C PHE A 111 -16.66 -1.18 -9.43
N SER A 112 -16.68 -1.25 -10.76
CA SER A 112 -15.93 -0.31 -11.57
C SER A 112 -16.75 0.00 -12.81
N PHE A 113 -16.64 1.23 -13.28
CA PHE A 113 -17.36 1.66 -14.46
C PHE A 113 -16.76 2.99 -14.92
N LYS A 114 -17.24 3.48 -16.06
CA LYS A 114 -16.73 4.72 -16.61
C LYS A 114 -17.88 5.43 -17.31
N ASP A 115 -17.68 6.72 -17.56
CA ASP A 115 -18.64 7.49 -18.34
C ASP A 115 -17.85 8.42 -19.27
N ASN A 116 -18.51 9.47 -19.76
CA ASN A 116 -17.86 10.33 -20.75
C ASN A 116 -16.65 11.04 -20.19
N SER A 117 -16.62 11.32 -18.89
CA SER A 117 -15.57 12.14 -18.32
C SER A 117 -14.64 11.39 -17.37
N ASN A 118 -15.13 10.40 -16.64
CA ASN A 118 -14.40 9.87 -15.50
C ASN A 118 -14.33 8.35 -15.54
N LEU A 119 -13.37 7.82 -14.79
CA LEU A 119 -13.31 6.42 -14.41
C LEU A 119 -13.65 6.31 -12.93
N TYR A 120 -14.33 5.22 -12.56
CA TYR A 120 -14.82 5.02 -11.20
C TYR A 120 -14.42 3.64 -10.69
N MET A 121 -13.88 3.59 -9.47
CA MET A 121 -13.64 2.34 -8.75
C MET A 121 -14.26 2.47 -7.37
N VAL A 122 -15.19 1.57 -7.07
CA VAL A 122 -15.95 1.61 -5.83
C VAL A 122 -15.45 0.47 -4.97
N MET A 123 -14.89 0.80 -3.82
N MET A 123 -14.90 0.80 -3.81
CA MET A 123 -14.30 -0.19 -2.93
CA MET A 123 -14.30 -0.16 -2.91
C MET A 123 -14.93 -0.09 -1.55
C MET A 123 -14.97 -0.11 -1.55
N GLU A 124 -14.65 -1.10 -0.73
CA GLU A 124 -15.12 -1.12 0.64
C GLU A 124 -14.63 0.11 1.39
N TYR A 125 -15.53 0.68 2.20
CA TYR A 125 -15.21 1.85 3.00
C TYR A 125 -14.58 1.40 4.32
N VAL A 126 -13.48 2.02 4.68
CA VAL A 126 -12.71 1.67 5.85
C VAL A 126 -12.71 2.89 6.76
N PRO A 127 -13.60 2.93 7.75
CA PRO A 127 -13.88 4.20 8.43
C PRO A 127 -12.83 4.62 9.46
N GLY A 128 -11.86 3.77 9.79
CA GLY A 128 -10.90 4.12 10.81
C GLY A 128 -9.91 5.19 10.41
N GLY A 129 -9.86 5.57 9.13
CA GLY A 129 -8.95 6.61 8.68
C GLY A 129 -7.59 6.08 8.27
N GLU A 130 -6.77 7.00 7.76
CA GLU A 130 -5.42 6.68 7.30
C GLU A 130 -4.46 6.49 8.48
N MET A 131 -3.55 5.53 8.36
CA MET A 131 -2.47 5.46 9.33
C MET A 131 -1.75 6.80 9.44
N PHE A 132 -1.57 7.48 8.31
CA PHE A 132 -0.86 8.74 8.26
C PHE A 132 -1.36 9.73 9.31
N SER A 133 -2.67 9.92 9.41
N SER A 133 -2.68 9.93 9.34
CA SER A 133 -3.17 10.95 10.31
CA SER A 133 -3.29 10.87 10.29
C SER A 133 -3.06 10.50 11.77
C SER A 133 -2.97 10.48 11.72
N HIS A 134 -3.23 9.21 12.05
CA HIS A 134 -3.02 8.74 13.43
C HIS A 134 -1.57 8.92 13.83
N LEU A 135 -0.66 8.56 12.93
CA LEU A 135 0.77 8.70 13.21
C LEU A 135 1.17 10.15 13.44
N ARG A 136 0.72 11.06 12.57
CA ARG A 136 1.11 12.45 12.76
C ARG A 136 0.52 13.02 14.04
N ARG A 137 -0.64 12.53 14.46
CA ARG A 137 -1.30 13.04 15.65
C ARG A 137 -0.57 12.62 16.92
N ILE A 138 -0.17 11.35 17.00
CA ILE A 138 0.52 10.83 18.19
C ILE A 138 2.02 11.04 18.14
N GLY A 139 2.61 11.22 16.96
CA GLY A 139 4.03 11.46 16.83
C GLY A 139 4.71 10.21 16.29
N ARG A 140 4.79 9.17 17.11
N ARG A 140 4.82 9.18 17.12
CA ARG A 140 5.39 7.92 16.66
CA ARG A 140 5.39 7.90 16.69
C ARG A 140 4.73 6.77 17.40
C ARG A 140 4.63 6.77 17.36
N PHE A 141 4.82 5.57 16.81
CA PHE A 141 4.28 4.35 17.38
C PHE A 141 5.39 3.66 18.17
N SEP A 142 5.06 3.04 19.31
CA SEP A 142 6.03 2.23 20.00
CB SEP A 142 5.41 1.72 21.31
OG SEP A 142 4.41 0.78 20.96
C SEP A 142 6.40 1.04 19.14
O SEP A 142 5.67 0.69 18.21
P SEP A 142 3.47 0.38 22.23
O1P SEP A 142 2.46 1.60 22.49
O2P SEP A 142 2.66 -0.93 21.81
O3P SEP A 142 4.39 0.09 23.51
H SEP A 142 4.29 3.09 19.68
HA SEP A 142 6.83 2.75 20.22
HB2 SEP A 142 5.00 2.45 21.79
HB3 SEP A 142 6.08 1.28 21.84
N GLU A 143 7.50 0.36 19.45
CA GLU A 143 7.97 -0.68 18.55
C GLU A 143 6.98 -1.86 18.42
N PRO A 144 6.34 -2.28 19.52
CA PRO A 144 5.32 -3.34 19.38
C PRO A 144 4.16 -2.94 18.47
N HIS A 145 3.77 -1.68 18.53
CA HIS A 145 2.68 -1.15 17.72
C HIS A 145 3.09 -1.10 16.26
N ALA A 146 4.27 -0.54 15.99
CA ALA A 146 4.79 -0.54 14.63
C ALA A 146 4.96 -1.96 14.10
N ARG A 147 5.40 -2.87 14.97
N ARG A 147 5.38 -2.88 14.96
CA ARG A 147 5.65 -4.25 14.57
CA ARG A 147 5.64 -4.24 14.51
C ARG A 147 4.36 -4.94 14.11
C ARG A 147 4.36 -4.95 14.10
N PHE A 148 3.26 -4.71 14.82
CA PHE A 148 1.96 -5.24 14.45
C PHE A 148 1.56 -4.84 13.04
N TYR A 149 1.74 -3.57 12.70
CA TYR A 149 1.44 -3.13 11.36
C TYR A 149 2.43 -3.67 10.33
N ALA A 150 3.73 -3.65 10.68
CA ALA A 150 4.76 -4.11 9.76
C ALA A 150 4.50 -5.57 9.36
N ALA A 151 4.08 -6.40 10.33
CA ALA A 151 3.84 -7.81 10.05
C ALA A 151 2.77 -7.99 8.99
N GLN A 152 1.73 -7.14 9.02
CA GLN A 152 0.67 -7.25 8.03
C GLN A 152 1.20 -6.88 6.66
N ILE A 153 2.09 -5.88 6.59
CA ILE A 153 2.66 -5.51 5.30
C ILE A 153 3.56 -6.63 4.78
N VAL A 154 4.36 -7.24 5.65
CA VAL A 154 5.22 -8.35 5.24
C VAL A 154 4.38 -9.45 4.60
N LEU A 155 3.29 -9.85 5.27
CA LEU A 155 2.44 -10.91 4.73
C LEU A 155 1.76 -10.48 3.43
N THR A 156 1.34 -9.22 3.35
CA THR A 156 0.71 -8.72 2.13
C THR A 156 1.68 -8.72 0.96
N PHE A 157 2.93 -8.31 1.20
CA PHE A 157 3.93 -8.32 0.13
C PHE A 157 4.35 -9.75 -0.23
N GLU A 158 4.43 -10.65 0.76
CA GLU A 158 4.67 -12.05 0.43
C GLU A 158 3.61 -12.56 -0.55
N TYR A 159 2.35 -12.26 -0.25
CA TYR A 159 1.25 -12.64 -1.14
C TYR A 159 1.39 -11.98 -2.51
N LEU A 160 1.52 -10.67 -2.55
CA LEU A 160 1.56 -9.98 -3.83
C LEU A 160 2.73 -10.47 -4.68
N HIS A 161 3.92 -10.54 -4.08
CA HIS A 161 5.11 -10.93 -4.84
C HIS A 161 5.00 -12.35 -5.36
N SER A 162 4.30 -13.23 -4.64
CA SER A 162 4.15 -14.59 -5.14
C SER A 162 3.30 -14.64 -6.42
N LEU A 163 2.44 -13.63 -6.63
CA LEU A 163 1.65 -13.45 -7.83
C LEU A 163 2.37 -12.61 -8.89
N ASP A 164 3.65 -12.34 -8.68
CA ASP A 164 4.47 -11.47 -9.52
C ASP A 164 3.92 -10.06 -9.57
N LEU A 165 3.34 -9.59 -8.47
CA LEU A 165 2.86 -8.21 -8.37
C LEU A 165 3.80 -7.41 -7.49
N ILE A 166 4.21 -6.25 -7.99
CA ILE A 166 4.94 -5.25 -7.21
C ILE A 166 3.97 -4.13 -6.85
N TYR A 167 4.06 -3.62 -5.63
CA TYR A 167 3.09 -2.64 -5.12
C TYR A 167 3.50 -1.19 -5.44
N ARG A 168 4.72 -0.81 -5.07
CA ARG A 168 5.42 0.41 -5.51
C ARG A 168 4.89 1.72 -4.91
N ASP A 169 3.97 1.72 -3.95
CA ASP A 169 3.62 3.01 -3.32
C ASP A 169 3.31 2.82 -1.85
N LEU A 170 4.12 2.02 -1.17
CA LEU A 170 3.93 1.90 0.28
C LEU A 170 4.23 3.22 0.97
N LYS A 171 3.30 3.65 1.84
CA LYS A 171 3.42 4.80 2.73
C LYS A 171 2.20 4.87 3.65
N PRO A 172 2.29 5.60 4.77
CA PRO A 172 1.16 5.61 5.73
C PRO A 172 -0.12 6.18 5.14
N GLU A 173 0.00 7.05 4.13
CA GLU A 173 -1.17 7.63 3.48
C GLU A 173 -2.06 6.56 2.83
N ASN A 174 -1.48 5.42 2.43
CA ASN A 174 -2.14 4.38 1.67
C ASN A 174 -2.62 3.23 2.53
N LEU A 175 -2.46 3.34 3.84
CA LEU A 175 -2.77 2.27 4.78
C LEU A 175 -3.91 2.73 5.67
N LEU A 176 -5.08 2.12 5.52
CA LEU A 176 -6.23 2.48 6.30
C LEU A 176 -6.39 1.52 7.47
N ILE A 177 -6.97 2.00 8.55
CA ILE A 177 -7.17 1.19 9.75
C ILE A 177 -8.64 0.78 9.83
N ASP A 178 -8.89 -0.52 9.93
CA ASP A 178 -10.27 -1.00 9.90
C ASP A 178 -10.82 -1.08 11.31
N GLN A 179 -12.08 -1.52 11.43
CA GLN A 179 -12.75 -1.46 12.72
C GLN A 179 -12.13 -2.42 13.74
N GLN A 180 -11.34 -3.39 13.31
CA GLN A 180 -10.64 -4.25 14.26
C GLN A 180 -9.22 -3.78 14.55
N GLY A 181 -8.81 -2.65 13.96
CA GLY A 181 -7.47 -2.13 14.17
C GLY A 181 -6.43 -2.70 13.24
N TYR A 182 -6.84 -3.45 12.22
CA TYR A 182 -5.93 -4.03 11.26
C TYR A 182 -5.83 -3.14 10.04
N ILE A 183 -4.84 -3.42 9.20
N ILE A 183 -4.83 -3.40 9.21
CA ILE A 183 -4.50 -2.60 8.05
CA ILE A 183 -4.52 -2.57 8.05
C ILE A 183 -5.31 -3.03 6.83
C ILE A 183 -5.31 -3.03 6.83
N GLN A 184 -5.71 -2.04 6.03
CA GLN A 184 -6.24 -2.26 4.68
C GLN A 184 -5.39 -1.42 3.73
N VAL A 185 -4.69 -2.07 2.80
CA VAL A 185 -3.93 -1.36 1.77
C VAL A 185 -4.91 -0.93 0.69
N THR A 186 -4.94 0.37 0.34
CA THR A 186 -6.13 0.90 -0.36
C THR A 186 -5.93 1.62 -1.69
N ASP A 187 -4.74 1.68 -2.27
CA ASP A 187 -4.51 2.41 -3.53
C ASP A 187 -3.54 1.57 -4.35
N PHE A 188 -3.98 1.04 -5.48
CA PHE A 188 -3.12 0.19 -6.30
C PHE A 188 -2.69 0.88 -7.59
N GLY A 189 -2.65 2.21 -7.57
CA GLY A 189 -2.36 2.96 -8.79
C GLY A 189 -0.98 2.76 -9.36
N PHE A 190 -0.01 2.30 -8.55
CA PHE A 190 1.34 2.01 -9.01
C PHE A 190 1.66 0.53 -9.05
N ALA A 191 0.70 -0.33 -8.72
CA ALA A 191 0.97 -1.77 -8.69
C ALA A 191 1.05 -2.32 -10.11
N LYS A 192 1.85 -3.36 -10.29
CA LYS A 192 2.08 -3.89 -11.63
C LYS A 192 2.47 -5.35 -11.55
N ARG A 193 2.03 -6.13 -12.56
CA ARG A 193 2.49 -7.50 -12.71
C ARG A 193 3.80 -7.49 -13.50
N VAL A 194 4.85 -8.02 -12.88
CA VAL A 194 6.23 -7.94 -13.34
C VAL A 194 6.88 -9.30 -13.10
N LYS A 195 7.28 -9.98 -14.17
CA LYS A 195 7.91 -11.28 -13.99
C LYS A 195 9.42 -11.19 -13.71
N GLY A 196 10.05 -10.07 -14.04
CA GLY A 196 11.45 -9.84 -13.72
C GLY A 196 11.72 -8.40 -13.36
N ARG A 197 12.18 -7.61 -14.34
CA ARG A 197 12.43 -6.19 -14.13
C ARG A 197 11.32 -5.35 -14.73
N THR A 198 11.26 -4.11 -14.25
CA THR A 198 10.44 -3.06 -14.86
C THR A 198 11.21 -1.75 -14.71
N TRP A 199 10.80 -0.73 -15.47
CA TRP A 199 11.65 0.45 -15.66
C TRP A 199 10.97 1.81 -15.38
N TPO A 200 9.69 1.84 -15.02
CA TPO A 200 9.03 3.14 -14.84
CB TPO A 200 7.51 3.00 -14.71
CG2 TPO A 200 6.84 4.39 -14.72
OG1 TPO A 200 7.03 2.27 -15.83
P TPO A 200 6.38 0.86 -15.47
O1P TPO A 200 6.19 0.09 -16.86
O2P TPO A 200 5.03 1.07 -14.81
O3P TPO A 200 7.37 0.05 -14.51
C TPO A 200 9.61 3.87 -13.65
O TPO A 200 9.69 3.32 -12.55
H TPO A 200 9.19 1.15 -14.87
HA TPO A 200 9.20 3.69 -15.64
HB TPO A 200 7.27 2.47 -13.78
HG21 TPO A 200 5.76 4.27 -14.62
HG22 TPO A 200 7.07 4.90 -15.66
HG23 TPO A 200 7.22 4.99 -13.88
N LEU A 201 9.92 5.15 -13.83
CA LEU A 201 10.31 6.00 -12.72
C LEU A 201 9.08 6.54 -12.03
N CYS A 202 8.65 5.88 -10.96
CA CYS A 202 7.40 6.21 -10.30
C CYS A 202 7.46 5.81 -8.82
N GLY A 203 6.63 6.48 -8.04
CA GLY A 203 6.47 6.27 -6.62
C GLY A 203 6.46 7.58 -5.86
N THR A 204 6.61 7.48 -4.54
CA THR A 204 6.65 8.68 -3.73
C THR A 204 8.07 8.96 -3.27
N PRO A 205 8.59 10.17 -3.43
CA PRO A 205 10.03 10.43 -3.23
C PRO A 205 10.66 9.81 -1.99
N GLU A 206 10.08 10.04 -0.81
CA GLU A 206 10.69 9.55 0.43
C GLU A 206 10.80 8.02 0.47
N TYR A 207 9.99 7.30 -0.30
CA TYR A 207 9.92 5.85 -0.26
C TYR A 207 10.60 5.17 -1.44
N LEU A 208 11.17 5.93 -2.37
CA LEU A 208 11.84 5.34 -3.53
C LEU A 208 13.14 4.63 -3.17
N ALA A 209 13.27 3.39 -3.66
CA ALA A 209 14.54 2.69 -3.59
C ALA A 209 15.59 3.37 -4.46
N PRO A 210 16.87 3.26 -4.10
CA PRO A 210 17.91 3.91 -4.92
C PRO A 210 17.93 3.49 -6.37
N GLU A 211 17.68 2.21 -6.65
CA GLU A 211 17.73 1.75 -8.02
C GLU A 211 16.64 2.41 -8.87
N ILE A 212 15.52 2.83 -8.25
CA ILE A 212 14.54 3.57 -9.04
C ILE A 212 15.13 4.92 -9.43
N ILE A 213 15.66 5.64 -8.42
CA ILE A 213 16.22 6.98 -8.62
C ILE A 213 17.33 6.95 -9.66
N LEU A 214 18.11 5.88 -9.68
CA LEU A 214 19.25 5.77 -10.59
C LEU A 214 18.86 5.25 -11.97
N SER A 215 17.57 5.16 -12.27
CA SER A 215 17.09 4.76 -13.61
C SER A 215 17.58 3.37 -13.98
N LYS A 216 17.64 2.48 -13.02
CA LYS A 216 17.97 1.08 -13.24
C LYS A 216 16.68 0.29 -13.37
N GLY A 217 16.70 -0.73 -14.22
CA GLY A 217 15.67 -1.75 -14.18
C GLY A 217 15.64 -2.35 -12.80
N TYR A 218 14.47 -2.50 -12.21
CA TYR A 218 14.37 -2.91 -10.81
C TYR A 218 13.29 -3.96 -10.68
N ASN A 219 13.20 -4.56 -9.48
CA ASN A 219 12.28 -5.68 -9.27
C ASN A 219 11.55 -5.49 -7.95
N LYS A 220 10.91 -6.57 -7.47
CA LYS A 220 10.10 -6.49 -6.28
C LYS A 220 10.87 -6.07 -5.04
N ALA A 221 12.21 -6.10 -5.06
CA ALA A 221 12.97 -5.65 -3.89
C ALA A 221 12.73 -4.18 -3.57
N VAL A 222 12.20 -3.39 -4.51
CA VAL A 222 11.91 -2.01 -4.14
C VAL A 222 10.82 -1.96 -3.06
N ASP A 223 9.94 -2.96 -3.00
CA ASP A 223 8.91 -2.98 -1.96
C ASP A 223 9.55 -3.25 -0.60
N TRP A 224 10.61 -4.07 -0.56
CA TRP A 224 11.24 -4.36 0.74
C TRP A 224 12.04 -3.17 1.24
N TRP A 225 12.71 -2.43 0.35
CA TRP A 225 13.26 -1.13 0.71
C TRP A 225 12.18 -0.23 1.32
N ALA A 226 11.05 -0.09 0.63
CA ALA A 226 9.98 0.78 1.11
C ALA A 226 9.43 0.33 2.46
N LEU A 227 9.37 -1.00 2.70
CA LEU A 227 9.02 -1.49 4.03
C LEU A 227 9.98 -0.94 5.09
N GLY A 228 11.29 -0.89 4.78
CA GLY A 228 12.24 -0.29 5.69
C GLY A 228 11.93 1.17 5.98
N VAL A 229 11.60 1.93 4.94
CA VAL A 229 11.20 3.33 5.15
C VAL A 229 9.98 3.41 6.03
N LEU A 230 8.98 2.56 5.78
CA LEU A 230 7.73 2.59 6.54
C LEU A 230 7.97 2.28 8.01
N ILE A 231 8.70 1.21 8.29
CA ILE A 231 8.95 0.84 9.69
C ILE A 231 9.72 1.97 10.40
N TYR A 232 10.74 2.53 9.74
CA TYR A 232 11.46 3.68 10.31
C TYR A 232 10.48 4.82 10.60
N GLU A 233 9.65 5.17 9.63
CA GLU A 233 8.74 6.31 9.85
C GLU A 233 7.75 6.01 10.97
N MET A 234 7.21 4.78 11.02
CA MET A 234 6.27 4.46 12.08
C MET A 234 6.93 4.56 13.46
N ALA A 235 8.17 4.11 13.57
CA ALA A 235 8.84 4.07 14.86
C ALA A 235 9.50 5.39 15.26
N ALA A 236 9.86 6.23 14.30
CA ALA A 236 10.50 7.52 14.55
C ALA A 236 9.53 8.68 14.49
N GLY A 237 8.52 8.58 13.63
CA GLY A 237 7.58 9.68 13.35
C GLY A 237 7.93 10.48 12.13
N TYR A 238 9.06 10.18 11.51
CA TYR A 238 9.51 10.85 10.29
C TYR A 238 10.34 9.83 9.52
N PRO A 239 10.45 9.96 8.22
CA PRO A 239 11.14 8.95 7.44
C PRO A 239 12.64 9.16 7.46
N PRO A 240 13.42 8.16 7.02
CA PRO A 240 14.88 8.24 7.16
C PRO A 240 15.55 9.23 6.22
N PHE A 241 14.92 9.53 5.08
CA PHE A 241 15.50 10.40 4.07
C PHE A 241 14.51 11.55 3.92
N PHE A 242 14.85 12.67 4.55
CA PHE A 242 13.88 13.68 4.96
C PHE A 242 14.45 15.02 4.55
N ALA A 243 13.81 15.67 3.57
CA ALA A 243 14.25 16.97 3.10
C ALA A 243 13.07 17.69 2.45
N ASP A 244 13.23 19.00 2.26
CA ASP A 244 12.11 19.83 1.78
C ASP A 244 11.81 19.57 0.31
N GLN A 245 12.84 19.32 -0.50
CA GLN A 245 12.63 19.17 -1.95
C GLN A 245 12.95 17.76 -2.41
N PRO A 246 12.18 17.20 -3.35
CA PRO A 246 12.50 15.86 -3.88
C PRO A 246 13.96 15.65 -4.27
N ILE A 247 14.62 16.60 -4.93
CA ILE A 247 16.00 16.35 -5.36
C ILE A 247 16.91 16.11 -4.16
N GLN A 248 16.67 16.79 -3.04
CA GLN A 248 17.49 16.59 -1.85
C GLN A 248 17.23 15.21 -1.25
N ILE A 249 15.97 14.78 -1.27
CA ILE A 249 15.61 13.45 -0.79
C ILE A 249 16.36 12.39 -1.60
N TYR A 250 16.35 12.53 -2.92
CA TYR A 250 17.00 11.54 -3.79
C TYR A 250 18.48 11.42 -3.47
N GLU A 251 19.17 12.55 -3.28
CA GLU A 251 20.59 12.53 -2.93
C GLU A 251 20.83 11.76 -1.63
N LYS A 252 19.97 11.96 -0.63
CA LYS A 252 20.13 11.23 0.62
C LYS A 252 19.92 9.73 0.44
N ILE A 253 18.92 9.36 -0.36
CA ILE A 253 18.62 7.94 -0.56
C ILE A 253 19.80 7.22 -1.19
N VAL A 254 20.41 7.83 -2.20
CA VAL A 254 21.47 7.16 -2.97
C VAL A 254 22.78 7.13 -2.17
N SER A 255 23.00 8.08 -1.27
CA SER A 255 24.25 8.13 -0.51
C SER A 255 24.60 6.79 0.12
N GLY A 256 23.63 6.11 0.70
CA GLY A 256 23.90 4.90 1.46
C GLY A 256 24.07 5.12 2.94
N LYS A 257 23.53 6.21 3.50
CA LYS A 257 23.71 6.59 4.89
C LYS A 257 22.34 6.74 5.55
N VAL A 258 22.17 6.09 6.69
CA VAL A 258 20.97 6.24 7.50
C VAL A 258 21.39 6.44 8.95
N ARG A 259 20.76 7.40 9.61
CA ARG A 259 20.93 7.64 11.04
C ARG A 259 19.65 7.27 11.76
N PHE A 260 19.78 6.74 12.97
CA PHE A 260 18.62 6.26 13.71
C PHE A 260 18.43 7.03 15.01
N PRO A 261 17.19 7.25 15.43
CA PRO A 261 16.93 7.83 16.76
C PRO A 261 17.54 6.98 17.86
N SER A 262 17.94 7.65 18.95
CA SER A 262 18.59 6.94 20.03
C SER A 262 17.64 5.99 20.75
N HIS A 263 16.34 6.14 20.56
CA HIS A 263 15.39 5.24 21.21
C HIS A 263 15.10 3.98 20.41
N PHE A 264 15.60 3.86 19.18
CA PHE A 264 15.46 2.62 18.41
C PHE A 264 16.23 1.50 19.08
N SER A 265 15.57 0.35 19.23
CA SER A 265 16.23 -0.84 19.72
C SER A 265 17.28 -1.31 18.73
N SER A 266 18.32 -1.97 19.24
N SER A 266 18.31 -1.98 19.25
CA SER A 266 19.35 -2.52 18.36
CA SER A 266 19.35 -2.54 18.38
C SER A 266 18.78 -3.55 17.39
C SER A 266 18.75 -3.52 17.39
N ASP A 267 17.77 -4.33 17.81
CA ASP A 267 17.13 -5.26 16.89
C ASP A 267 16.49 -4.52 15.74
N LEU A 268 15.84 -3.39 16.03
CA LEU A 268 15.18 -2.62 14.99
C LEU A 268 16.21 -2.05 14.02
N LYS A 269 17.28 -1.46 14.53
CA LYS A 269 18.30 -0.89 13.65
C LYS A 269 18.90 -1.96 12.76
N ASP A 270 19.13 -3.16 13.30
CA ASP A 270 19.68 -4.23 12.47
C ASP A 270 18.74 -4.58 11.33
N LEU A 271 17.45 -4.73 11.60
CA LEU A 271 16.49 -5.03 10.55
C LEU A 271 16.50 -3.93 9.51
N LEU A 272 16.49 -2.68 9.96
CA LEU A 272 16.39 -1.58 9.01
C LEU A 272 17.65 -1.41 8.18
N ARG A 273 18.82 -1.67 8.77
CA ARG A 273 20.04 -1.65 7.96
C ARG A 273 20.02 -2.69 6.85
N ASN A 274 19.34 -3.82 7.06
CA ASN A 274 19.27 -4.86 6.04
C ASN A 274 18.16 -4.63 5.03
N LEU A 275 17.14 -3.83 5.36
CA LEU A 275 16.11 -3.44 4.40
C LEU A 275 16.54 -2.23 3.60
N LEU A 276 17.08 -1.23 4.28
CA LEU A 276 17.56 -0.01 3.64
C LEU A 276 18.98 -0.21 3.16
N GLN A 277 19.16 -1.28 2.39
CA GLN A 277 20.45 -1.71 1.88
C GLN A 277 20.52 -1.38 0.40
N VAL A 278 21.46 -0.52 0.01
N VAL A 278 21.47 -0.53 0.02
CA VAL A 278 21.56 -0.13 -1.39
CA VAL A 278 21.57 -0.12 -1.38
C VAL A 278 21.98 -1.31 -2.26
C VAL A 278 22.05 -1.26 -2.27
N ASP A 279 22.83 -2.19 -1.72
CA ASP A 279 23.39 -3.31 -2.47
C ASP A 279 22.31 -4.40 -2.58
N LEU A 280 21.83 -4.65 -3.79
CA LEU A 280 20.74 -5.62 -3.95
C LEU A 280 21.16 -7.05 -3.64
N THR A 281 22.45 -7.36 -3.70
CA THR A 281 22.89 -8.71 -3.33
C THR A 281 22.87 -8.92 -1.82
N LYS A 282 22.58 -7.87 -1.04
CA LYS A 282 22.53 -7.95 0.40
C LYS A 282 21.19 -7.56 1.02
N ARG A 283 20.23 -7.06 0.24
CA ARG A 283 19.00 -6.53 0.82
C ARG A 283 18.05 -7.66 1.23
N PHE A 284 17.59 -7.61 2.47
CA PHE A 284 16.62 -8.58 2.96
C PHE A 284 15.35 -8.53 2.13
N GLY A 285 14.81 -9.71 1.87
CA GLY A 285 13.72 -9.88 0.94
C GLY A 285 14.19 -10.29 -0.44
N ASN A 286 15.46 -10.04 -0.75
CA ASN A 286 16.02 -10.28 -2.08
C ASN A 286 17.08 -11.36 -2.07
N LEU A 287 17.17 -12.16 -1.02
CA LEU A 287 18.24 -13.13 -0.90
C LEU A 287 17.70 -14.53 -1.15
N LYS A 288 18.61 -15.51 -1.03
CA LYS A 288 18.24 -16.91 -1.22
C LYS A 288 17.01 -17.28 -0.42
N ASN A 289 16.94 -16.85 0.84
CA ASN A 289 15.85 -17.22 1.72
C ASN A 289 14.64 -16.30 1.59
N GLY A 290 14.67 -15.36 0.67
CA GLY A 290 13.48 -14.56 0.36
C GLY A 290 12.94 -13.86 1.60
N VAL A 291 11.61 -13.92 1.76
CA VAL A 291 10.94 -13.20 2.83
C VAL A 291 11.25 -13.79 4.20
N ASN A 292 11.76 -15.01 4.25
CA ASN A 292 12.03 -15.61 5.54
C ASN A 292 13.18 -14.93 6.30
N ASP A 293 14.09 -14.27 5.59
CA ASP A 293 15.08 -13.47 6.30
C ASP A 293 14.42 -12.37 7.12
N ILE A 294 13.28 -11.88 6.64
CA ILE A 294 12.55 -10.85 7.36
C ILE A 294 11.71 -11.48 8.46
N LYS A 295 10.95 -12.51 8.12
CA LYS A 295 10.01 -13.09 9.08
C LYS A 295 10.74 -13.72 10.25
N ASN A 296 11.96 -14.19 10.05
CA ASN A 296 12.74 -14.85 11.11
C ASN A 296 13.73 -13.91 11.77
N HIS A 297 13.73 -12.63 11.41
CA HIS A 297 14.57 -11.65 12.08
C HIS A 297 14.18 -11.50 13.55
N LYS A 298 15.18 -11.24 14.39
CA LYS A 298 14.96 -11.10 15.82
C LYS A 298 13.90 -10.05 16.15
N TRP A 299 13.81 -8.97 15.39
CA TRP A 299 12.82 -7.95 15.72
C TRP A 299 11.40 -8.48 15.65
N PHE A 300 11.17 -9.56 14.89
CA PHE A 300 9.86 -10.17 14.73
C PHE A 300 9.73 -11.45 15.57
N ALA A 301 10.64 -11.67 16.52
CA ALA A 301 10.66 -12.93 17.27
C ALA A 301 9.34 -13.19 17.98
N THR A 302 8.67 -12.14 18.46
CA THR A 302 7.41 -12.28 19.16
C THR A 302 6.20 -12.34 18.23
N THR A 303 6.41 -12.24 16.92
CA THR A 303 5.30 -12.19 16.00
C THR A 303 4.81 -13.59 15.65
N ASP A 304 3.51 -13.82 15.85
CA ASP A 304 2.85 -15.06 15.45
C ASP A 304 2.28 -14.81 14.06
N TRP A 305 3.04 -15.18 13.04
CA TRP A 305 2.68 -14.85 11.66
C TRP A 305 1.32 -15.42 11.28
N ILE A 306 1.04 -16.67 11.68
CA ILE A 306 -0.25 -17.23 11.32
C ILE A 306 -1.37 -16.50 12.05
N ALA A 307 -1.14 -16.15 13.31
CA ALA A 307 -2.16 -15.48 14.10
C ALA A 307 -2.46 -14.09 13.55
N ILE A 308 -1.45 -13.40 13.03
CA ILE A 308 -1.68 -12.12 12.37
C ILE A 308 -2.58 -12.33 11.16
N TYR A 309 -2.23 -13.29 10.31
CA TYR A 309 -3.02 -13.56 9.11
C TYR A 309 -4.47 -13.87 9.45
N GLN A 310 -4.67 -14.71 10.46
CA GLN A 310 -5.99 -15.10 10.88
C GLN A 310 -6.67 -14.03 11.70
N ARG A 311 -6.00 -12.90 11.93
CA ARG A 311 -6.57 -11.77 12.67
C ARG A 311 -6.95 -12.16 14.10
N LYS A 312 -6.12 -12.98 14.73
CA LYS A 312 -6.34 -13.44 16.10
C LYS A 312 -5.66 -12.55 17.15
N VAL A 313 -4.76 -11.66 16.73
CA VAL A 313 -3.95 -10.85 17.63
C VAL A 313 -4.73 -9.59 18.01
N GLU A 314 -4.68 -9.20 19.28
CA GLU A 314 -5.35 -7.98 19.72
C GLU A 314 -4.62 -6.77 19.17
N ALA A 315 -5.36 -5.87 18.51
CA ALA A 315 -4.73 -4.71 17.89
C ALA A 315 -4.33 -3.68 18.95
N PRO A 316 -3.30 -2.88 18.68
CA PRO A 316 -2.87 -1.88 19.67
C PRO A 316 -3.80 -0.70 19.75
N PHE A 317 -4.63 -0.50 18.74
CA PHE A 317 -5.44 0.70 18.64
C PHE A 317 -6.69 0.36 17.85
N ILE A 318 -7.86 0.67 18.40
CA ILE A 318 -9.14 0.45 17.72
C ILE A 318 -9.77 1.81 17.44
N PRO A 319 -9.96 2.21 16.19
CA PRO A 319 -10.56 3.53 15.92
C PRO A 319 -11.99 3.64 16.42
N LYS A 320 -12.35 4.85 16.88
CA LYS A 320 -13.72 5.11 17.30
C LYS A 320 -14.61 5.25 16.06
N PHE A 321 -15.77 4.62 16.11
CA PHE A 321 -16.75 4.68 15.03
C PHE A 321 -18.10 5.01 15.64
N LYS A 322 -18.77 6.02 15.10
CA LYS A 322 -20.07 6.45 15.59
C LYS A 322 -21.23 5.76 14.87
N GLY A 323 -20.94 5.01 13.81
CA GLY A 323 -21.97 4.34 13.07
C GLY A 323 -21.65 4.32 11.59
N PRO A 324 -22.42 3.57 10.81
CA PRO A 324 -22.17 3.54 9.37
C PRO A 324 -22.15 4.95 8.77
N GLY A 325 -21.23 5.16 7.84
CA GLY A 325 -21.10 6.44 7.18
C GLY A 325 -20.34 7.50 7.93
N ASP A 326 -19.88 7.21 9.14
CA ASP A 326 -19.13 8.19 9.93
C ASP A 326 -17.81 8.51 9.25
N THR A 327 -17.50 9.80 9.09
CA THR A 327 -16.25 10.23 8.45
C THR A 327 -15.31 10.94 9.43
N SER A 328 -15.52 10.76 10.74
CA SER A 328 -14.81 11.58 11.72
C SER A 328 -13.31 11.29 11.74
N ASN A 329 -12.89 10.13 11.27
CA ASN A 329 -11.47 9.79 11.29
C ASN A 329 -10.72 10.26 10.05
N PHE A 330 -11.38 11.00 9.15
CA PHE A 330 -10.74 11.57 7.97
C PHE A 330 -10.67 13.09 8.07
N ASP A 331 -9.67 13.66 7.39
CA ASP A 331 -9.53 15.11 7.29
C ASP A 331 -10.54 15.67 6.29
N ASP A 332 -10.74 16.97 6.33
CA ASP A 332 -11.67 17.66 5.45
C ASP A 332 -10.94 18.17 4.20
N TYR A 333 -11.66 18.19 3.08
CA TYR A 333 -11.12 18.59 1.80
C TYR A 333 -12.13 19.49 1.10
N GLU A 334 -11.65 20.26 0.14
CA GLU A 334 -12.54 21.09 -0.66
C GLU A 334 -13.43 20.21 -1.53
N GLU A 335 -14.73 20.54 -1.57
CA GLU A 335 -15.72 19.78 -2.33
C GLU A 335 -15.95 20.47 -3.67
N GLU A 336 -15.76 19.74 -4.76
CA GLU A 336 -15.99 20.24 -6.11
C GLU A 336 -16.99 19.33 -6.80
N GLU A 337 -17.96 19.94 -7.49
CA GLU A 337 -19.03 19.16 -8.11
C GLU A 337 -18.45 18.19 -9.13
N ILE A 338 -19.12 17.04 -9.27
CA ILE A 338 -18.74 16.04 -10.25
C ILE A 338 -19.56 16.32 -11.51
N ARG A 339 -18.90 16.88 -12.52
CA ARG A 339 -19.56 17.26 -13.77
C ARG A 339 -19.25 16.23 -14.85
N VAL A 340 -20.29 15.69 -15.47
CA VAL A 340 -20.15 14.74 -16.56
C VAL A 340 -20.47 15.41 -17.89
N SEP A 341 -19.46 15.47 -18.77
CA SEP A 341 -19.59 16.14 -20.06
CB SEP A 341 -18.22 16.23 -20.73
OG SEP A 341 -18.33 16.60 -22.10
C SEP A 341 -20.57 15.41 -20.97
O SEP A 341 -20.87 14.24 -20.77
P SEP A 341 -18.42 18.19 -22.30
O1P SEP A 341 -17.96 18.51 -23.80
O2P SEP A 341 -19.92 18.67 -21.99
O3P SEP A 341 -17.42 18.96 -21.29
H SEP A 341 -18.68 15.13 -18.64
HA SEP A 341 -19.93 17.05 -19.91
HB2 SEP A 341 -17.78 15.37 -20.67
HB3 SEP A 341 -17.70 16.91 -20.27
N ILE A 342 -21.07 16.13 -21.97
CA ILE A 342 -22.04 15.56 -22.91
C ILE A 342 -21.34 14.70 -23.97
N ASN A 343 -20.05 14.96 -24.17
CA ASN A 343 -19.25 14.28 -25.19
C ASN A 343 -18.25 13.36 -24.51
N GLU A 344 -18.14 12.13 -25.02
CA GLU A 344 -17.15 11.20 -24.49
C GLU A 344 -15.75 11.75 -24.66
N LYS A 345 -14.93 11.55 -23.63
CA LYS A 345 -13.54 11.97 -23.65
C LYS A 345 -12.65 10.74 -23.57
N CYS A 346 -11.59 10.74 -24.37
CA CYS A 346 -10.54 9.73 -24.27
C CYS A 346 -11.11 8.31 -24.34
N GLY A 347 -12.07 8.10 -25.24
CA GLY A 347 -12.70 6.81 -25.35
C GLY A 347 -11.71 5.71 -25.70
N LYS A 348 -10.91 5.93 -26.76
CA LYS A 348 -10.02 4.89 -27.24
C LYS A 348 -8.91 4.58 -26.22
N GLU A 349 -8.41 5.61 -25.53
CA GLU A 349 -7.32 5.40 -24.58
C GLU A 349 -7.77 4.59 -23.36
N PHE A 350 -9.07 4.45 -23.12
CA PHE A 350 -9.55 3.70 -21.96
C PHE A 350 -10.53 2.60 -22.36
N THR A 351 -10.45 2.13 -23.61
CA THR A 351 -11.36 1.09 -24.07
C THR A 351 -11.26 -0.18 -23.22
N GLU A 352 -10.10 -0.42 -22.60
CA GLU A 352 -9.91 -1.63 -21.82
C GLU A 352 -10.47 -1.53 -20.39
N PHE A 353 -10.78 -0.33 -19.92
CA PHE A 353 -11.22 -0.15 -18.55
C PHE A 353 -12.65 -0.61 -18.34
N ALA B 3 14.66 19.30 8.76
CA ALA B 3 13.43 19.80 8.15
C ALA B 3 13.05 18.95 6.95
N GLY B 4 11.77 18.60 6.86
CA GLY B 4 11.28 17.80 5.76
C GLY B 4 9.78 17.95 5.62
N ARG B 5 9.21 17.16 4.71
CA ARG B 5 7.80 17.30 4.39
C ARG B 5 6.97 16.56 5.43
N THR B 6 6.10 17.29 6.12
CA THR B 6 5.27 16.68 7.15
C THR B 6 3.85 16.38 6.71
N GLY B 7 3.38 16.97 5.60
CA GLY B 7 2.03 16.74 5.12
C GLY B 7 1.93 15.54 4.18
N ARG B 8 0.73 15.31 3.67
CA ARG B 8 0.55 14.17 2.78
C ARG B 8 1.42 14.35 1.54
N ARG B 9 1.98 13.23 1.09
CA ARG B 9 2.97 13.20 0.02
C ARG B 9 2.36 12.59 -1.23
N GLN B 10 2.44 13.32 -2.34
CA GLN B 10 1.91 12.85 -3.62
C GLN B 10 2.90 11.97 -4.34
N ALA B 11 2.40 10.89 -4.92
CA ALA B 11 3.25 10.02 -5.70
C ALA B 11 3.43 10.61 -7.09
N ILE B 12 4.50 10.23 -7.75
CA ILE B 12 4.80 10.74 -9.09
C ILE B 12 4.76 9.57 -10.06
N HIS B 13 4.00 9.72 -11.16
CA HIS B 13 3.85 8.62 -12.11
C HIS B 13 5.01 8.50 -13.09
N ASP B 14 5.76 9.58 -13.28
CA ASP B 14 6.89 9.60 -14.21
C ASP B 14 7.80 10.76 -13.77
N ILE B 15 8.77 10.45 -12.93
CA ILE B 15 9.75 11.43 -12.51
C ILE B 15 10.59 11.82 -13.73
C1 8NE C . -10.82 5.97 1.98
C2 8NE C . -9.95 7.03 1.80
C3 8NE C . -8.95 6.98 0.84
C4 8NE C . -8.87 5.85 0.04
C5 8NE C . -9.74 4.79 0.21
C6 8NE C . -10.70 4.82 1.22
C7 8NE C . -11.46 3.60 1.56
N8 8NE C . -11.30 2.51 0.86
N9 8NE C . -12.27 3.62 2.59
C10 8NE C . -7.92 8.05 0.78
F11 8NE C . -7.50 8.28 -0.46
F12 8NE C . -8.36 9.20 1.24
F13 8NE C . -6.83 7.75 1.50
H1 8NE C . -11.60 6.05 2.75
H2 8NE C . -10.08 7.92 2.42
H4 8NE C . -8.13 5.80 -0.76
H5 8NE C . -9.65 3.92 -0.44
HN8 8NE C . -10.65 2.47 0.09
HN9 8NE C . -12.43 4.42 3.19
HN9A 8NE C . -12.81 2.80 2.84
H3 8NE C . -11.79 1.63 1.05
C1 MPD D . 0.20 -16.36 6.99
C2 MPD D . -0.02 -17.15 5.70
O2 MPD D . 1.09 -18.07 5.60
CM MPD D . -1.30 -17.99 5.76
C3 MPD D . -0.05 -16.25 4.45
C4 MPD D . 1.31 -15.65 4.09
O4 MPD D . 2.16 -16.65 3.58
C5 MPD D . 1.22 -14.51 3.06
H11 MPD D . 0.29 -15.30 6.76
H12 MPD D . -0.65 -16.52 7.66
H13 MPD D . 1.11 -16.70 7.48
HO2 MPD D . 1.58 -17.91 4.75
HM1 MPD D . -1.93 -17.74 4.91
HM2 MPD D . -1.05 -19.05 5.73
HM3 MPD D . -1.83 -17.77 6.69
H31 MPD D . -0.42 -16.83 3.61
H32 MPD D . -0.76 -15.44 4.62
H4 MPD D . 1.76 -15.25 5.00
HO4 MPD D . 3.06 -16.53 3.93
H51 MPD D . 1.82 -14.75 2.20
H52 MPD D . 0.18 -14.37 2.76
H53 MPD D . 1.58 -13.58 3.52
#